data_4XGA
#
_entry.id   4XGA
#
_cell.length_a   109.035
_cell.length_b   109.642
_cell.length_c   49.488
_cell.angle_alpha   90.00
_cell.angle_beta   90.00
_cell.angle_gamma   90.00
#
_symmetry.space_group_name_H-M   'P 21 21 2'
#
loop_
_entity.id
_entity.type
_entity.pdbx_description
1 polymer 'Outer membrane protein assembly factor BamB'
2 polymer 'Outer membrane protein assembly factor BamA'
3 non-polymer 'CALCIUM ION'
4 water water
#
loop_
_entity_poly.entity_id
_entity_poly.type
_entity_poly.pdbx_seq_one_letter_code
_entity_poly.pdbx_strand_id
1 'polypeptide(L)'
;CSLFNSEEDVVKMSPLPTVENQFTPTTAWSTSVGSGIGNFYSNLHPALADNVVYAADRAGLVKALNADDGKEIWSVSLAE
KDGWFSKEPALLSGGVTVSGGHVYIGSEKAQVYALNTSDGTVAWQTKVAGEALSRPVVSDGLVLIHTSNGQLQALNEADG
AVKWTVNLDMPSLSLRGESAPTTAFGAAVVGGDNGRVSAVLMEQGQMIWQQRISQATGSTEIDRLSDVDTTPVVVNGVVF
ALAYNGNLTALDLRSGQIMWKRELGSVNDFIVDGNRIYLVDQNDRVMALTIDGGVTLWTQSDLLHRLLTSPVLYNGNLVV
GDSEGYLHWINVEDGRFVAQQKVDSSGFQTEPVAADGKLLIQAKDGTVYSITR
;
A
2 'polypeptide(L)'
;AEIQQINIVGNHAFTTDELISHFQLRDEVPWWNVVGDRKYQKQKLAGDLETLRSYYLDRGYARFNIDSTQVSLTPDKKGI
YVTVNITEGDQYKLSGVEVSGNLAGHSAEIEQLTKIEPGELYNGTKVTKMEDDIKKLLGRYGYAYPRVQSMPEINDADKT
VKLRVNVDAGNRFYVRKIRFEGNDTSKDAVLRREMRQMEGAWLGSDLVDQGKERLNRLGFFETVDTDTQRVPGSPDQVDV
VYKVKE
;
B
#
loop_
_chem_comp.id
_chem_comp.type
_chem_comp.name
_chem_comp.formula
CA non-polymer 'CALCIUM ION' 'Ca 2'
#
# COMPACT_ATOMS: atom_id res chain seq x y z
N MET A 13 12.86 6.36 22.90
CA MET A 13 12.62 4.93 23.02
C MET A 13 13.29 4.36 24.27
N SER A 14 13.08 3.07 24.51
CA SER A 14 13.76 2.35 25.59
C SER A 14 15.24 2.16 25.25
N PRO A 15 16.13 2.51 26.20
CA PRO A 15 17.56 2.29 25.97
C PRO A 15 17.93 0.81 25.94
N LEU A 16 19.14 0.55 25.45
CA LEU A 16 19.63 -0.81 25.28
C LEU A 16 19.92 -1.49 26.64
N PRO A 17 19.25 -2.62 26.92
CA PRO A 17 19.54 -3.40 28.13
C PRO A 17 20.90 -4.08 28.10
N THR A 18 21.54 -4.19 29.26
CA THR A 18 22.79 -4.92 29.39
C THR A 18 22.47 -6.42 29.54
N VAL A 19 22.95 -7.21 28.60
CA VAL A 19 22.67 -8.64 28.59
C VAL A 19 23.95 -9.46 28.56
N GLU A 20 24.08 -10.41 29.48
CA GLU A 20 25.18 -11.36 29.39
C GLU A 20 24.70 -12.51 28.51
N ASN A 21 25.36 -12.66 27.37
CA ASN A 21 24.96 -13.61 26.36
C ASN A 21 25.20 -15.05 26.84
N GLN A 22 24.23 -15.94 26.59
CA GLN A 22 24.37 -17.36 26.94
C GLN A 22 25.12 -18.08 25.83
N PHE A 23 25.15 -17.44 24.67
CA PHE A 23 25.90 -17.90 23.52
C PHE A 23 26.29 -16.66 22.72
N THR A 24 27.19 -16.81 21.76
CA THR A 24 27.62 -15.65 20.98
C THR A 24 27.15 -15.75 19.54
N PRO A 25 26.04 -15.07 19.22
CA PRO A 25 25.58 -15.11 17.83
C PRO A 25 26.49 -14.25 16.96
N THR A 26 26.72 -14.67 15.73
CA THR A 26 27.56 -13.92 14.80
C THR A 26 26.91 -13.88 13.43
N THR A 27 27.53 -13.14 12.53
CA THR A 27 27.10 -13.02 11.15
C THR A 27 27.85 -14.03 10.29
N ALA A 28 27.13 -14.94 9.65
CA ALA A 28 27.76 -15.93 8.77
C ALA A 28 28.12 -15.28 7.45
N TRP A 29 27.22 -14.46 6.92
CA TRP A 29 27.56 -13.58 5.80
C TRP A 29 26.59 -12.42 5.67
N SER A 30 27.01 -11.40 4.94
CA SER A 30 26.12 -10.30 4.57
C SER A 30 26.41 -9.92 3.14
N THR A 31 25.36 -9.50 2.44
CA THR A 31 25.46 -9.10 1.04
C THR A 31 24.55 -7.91 0.79
N SER A 32 25.11 -6.86 0.19
CA SER A 32 24.31 -5.70 -0.13
C SER A 32 23.33 -5.98 -1.27
N VAL A 33 22.16 -5.37 -1.17
CA VAL A 33 21.16 -5.43 -2.23
C VAL A 33 20.75 -4.01 -2.51
N GLY A 34 21.44 -3.39 -3.48
CA GLY A 34 21.20 -2.01 -3.86
C GLY A 34 21.14 -1.06 -2.67
N SER A 35 20.08 -0.26 -2.59
CA SER A 35 19.94 0.65 -1.46
C SER A 35 18.73 0.31 -0.58
N GLY A 36 18.24 -0.92 -0.67
CA GLY A 36 17.13 -1.40 0.16
C GLY A 36 15.87 -0.56 0.07
N ILE A 37 15.20 -0.40 1.20
CA ILE A 37 13.97 0.37 1.24
C ILE A 37 14.15 1.73 1.92
N GLY A 38 15.31 1.91 2.56
CA GLY A 38 15.57 3.16 3.27
C GLY A 38 14.49 3.41 4.31
N ASN A 39 13.93 4.61 4.30
CA ASN A 39 12.88 5.01 5.23
C ASN A 39 11.48 4.82 4.69
N PHE A 40 11.36 4.17 3.54
CA PHE A 40 10.04 3.82 3.01
C PHE A 40 9.47 2.57 3.66
N TYR A 41 8.56 2.76 4.60
CA TYR A 41 8.01 1.65 5.38
C TYR A 41 7.27 0.68 4.45
N SER A 42 7.70 -0.58 4.41
CA SER A 42 7.09 -1.56 3.53
C SER A 42 7.38 -3.00 3.95
N ASN A 43 6.91 -3.96 3.15
CA ASN A 43 6.99 -5.36 3.52
C ASN A 43 8.29 -6.05 3.07
N LEU A 44 8.91 -5.49 2.02
CA LEU A 44 10.01 -6.11 1.29
C LEU A 44 11.05 -6.82 2.18
N HIS A 45 11.19 -8.13 2.02
CA HIS A 45 12.07 -8.94 2.86
C HIS A 45 12.58 -10.16 2.05
N PRO A 46 13.58 -10.87 2.58
CA PRO A 46 14.14 -12.00 1.81
C PRO A 46 13.26 -13.25 1.81
N ALA A 47 13.41 -14.05 0.75
CA ALA A 47 12.82 -15.39 0.68
C ALA A 47 13.96 -16.42 0.61
N LEU A 48 13.67 -17.63 1.09
CA LEU A 48 14.65 -18.71 1.07
C LEU A 48 13.97 -19.95 0.49
N ALA A 49 14.62 -20.57 -0.50
CA ALA A 49 14.13 -21.83 -1.07
C ALA A 49 15.29 -22.61 -1.67
N ASP A 50 15.42 -23.89 -1.27
CA ASP A 50 16.41 -24.80 -1.83
C ASP A 50 17.79 -24.16 -1.84
N ASN A 51 18.21 -23.70 -0.65
CA ASN A 51 19.52 -23.09 -0.42
C ASN A 51 19.83 -21.88 -1.29
N VAL A 52 18.78 -21.16 -1.70
CA VAL A 52 18.99 -19.89 -2.37
C VAL A 52 18.14 -18.79 -1.70
N VAL A 53 18.77 -17.65 -1.46
CA VAL A 53 18.10 -16.49 -0.91
C VAL A 53 17.76 -15.55 -2.05
N TYR A 54 16.51 -15.08 -2.06
CA TYR A 54 16.07 -14.10 -3.02
C TYR A 54 15.71 -12.81 -2.29
N ALA A 55 16.27 -11.69 -2.74
CA ALA A 55 16.05 -10.43 -2.05
C ALA A 55 16.08 -9.29 -3.03
N ALA A 56 15.42 -8.20 -2.67
CA ALA A 56 15.27 -7.07 -3.58
C ALA A 56 15.48 -5.74 -2.87
N ASP A 57 15.51 -4.66 -3.65
CA ASP A 57 15.46 -3.32 -3.07
C ASP A 57 14.30 -2.59 -3.73
N ARG A 58 13.92 -1.46 -3.16
CA ARG A 58 12.77 -0.70 -3.61
C ARG A 58 12.95 -0.20 -5.05
N ALA A 59 14.20 0.12 -5.42
CA ALA A 59 14.48 0.73 -6.71
C ALA A 59 14.27 -0.23 -7.88
N GLY A 60 14.34 -1.53 -7.63
CA GLY A 60 14.04 -2.51 -8.66
C GLY A 60 15.02 -3.66 -8.78
N LEU A 61 16.07 -3.64 -7.98
CA LEU A 61 17.10 -4.67 -8.09
C LEU A 61 16.67 -5.95 -7.38
N VAL A 62 16.86 -7.10 -8.02
CA VAL A 62 16.50 -8.39 -7.42
C VAL A 62 17.69 -9.33 -7.56
N LYS A 63 18.08 -9.99 -6.47
CA LYS A 63 19.22 -10.90 -6.52
C LYS A 63 18.87 -12.28 -5.99
N ALA A 64 19.55 -13.28 -6.54
CA ALA A 64 19.56 -14.63 -5.99
C ALA A 64 20.95 -14.92 -5.43
N LEU A 65 21.01 -15.36 -4.19
CA LEU A 65 22.29 -15.57 -3.51
C LEU A 65 22.36 -16.97 -2.97
N ASN A 66 23.53 -17.59 -3.11
CA ASN A 66 23.80 -18.86 -2.46
C ASN A 66 23.56 -18.70 -0.97
N ALA A 67 22.72 -19.56 -0.39
CA ALA A 67 22.34 -19.39 1.00
C ALA A 67 23.47 -19.68 1.99
N ASP A 68 24.54 -20.32 1.54
CA ASP A 68 25.63 -20.68 2.45
C ASP A 68 26.71 -19.60 2.54
N ASP A 69 26.88 -18.80 1.50
CA ASP A 69 27.95 -17.79 1.55
C ASP A 69 27.52 -16.41 1.07
N GLY A 70 26.26 -16.30 0.62
CA GLY A 70 25.73 -15.02 0.21
C GLY A 70 26.26 -14.53 -1.12
N LYS A 71 26.96 -15.41 -1.84
CA LYS A 71 27.51 -15.03 -3.13
C LYS A 71 26.42 -15.03 -4.20
N GLU A 72 26.54 -14.10 -5.13
CA GLU A 72 25.51 -13.83 -6.11
C GLU A 72 25.39 -14.90 -7.20
N ILE A 73 24.16 -15.36 -7.45
CA ILE A 73 23.89 -16.31 -8.53
C ILE A 73 23.40 -15.54 -9.77
N TRP A 74 22.42 -14.66 -9.57
CA TRP A 74 22.06 -13.71 -10.61
C TRP A 74 21.56 -12.43 -10.00
N SER A 75 21.42 -11.42 -10.85
CA SER A 75 20.99 -10.11 -10.43
C SER A 75 20.31 -9.46 -11.62
N VAL A 76 19.10 -8.96 -11.41
CA VAL A 76 18.37 -8.30 -12.48
C VAL A 76 17.82 -6.99 -11.96
N SER A 77 17.47 -6.09 -12.89
CA SER A 77 16.82 -4.84 -12.53
C SER A 77 15.44 -4.75 -13.12
N LEU A 78 14.42 -4.61 -12.27
CA LEU A 78 13.06 -4.45 -12.76
C LEU A 78 12.75 -3.00 -13.10
N ALA A 79 13.71 -2.10 -12.92
CA ALA A 79 13.54 -0.72 -13.34
C ALA A 79 13.77 -0.57 -14.85
N GLU A 80 14.75 -1.31 -15.37
CA GLU A 80 15.19 -1.23 -16.76
C GLU A 80 14.66 -2.38 -17.61
N GLU A 88 11.82 1.99 -12.92
CA GLU A 88 11.15 3.26 -13.18
C GLU A 88 11.62 4.46 -12.32
N PRO A 89 11.92 4.26 -11.01
CA PRO A 89 12.05 3.08 -10.13
C PRO A 89 10.76 2.27 -9.96
N ALA A 90 10.96 0.98 -9.76
CA ALA A 90 9.89 0.02 -9.69
C ALA A 90 9.01 0.17 -8.47
N LEU A 91 9.55 0.76 -7.40
CA LEU A 91 8.91 0.74 -6.07
C LEU A 91 8.51 -0.68 -5.67
N LEU A 92 9.48 -1.61 -5.71
CA LEU A 92 9.28 -2.96 -5.21
C LEU A 92 8.95 -2.88 -3.71
N SER A 93 7.94 -3.63 -3.27
CA SER A 93 7.36 -3.38 -1.95
C SER A 93 6.84 -4.61 -1.20
N GLY A 94 6.07 -5.47 -1.88
CA GLY A 94 5.48 -6.64 -1.25
C GLY A 94 6.22 -7.92 -1.62
N GLY A 95 6.59 -8.72 -0.62
CA GLY A 95 7.40 -9.90 -0.88
C GLY A 95 8.75 -9.79 -0.21
N VAL A 96 9.77 -10.53 -0.65
CA VAL A 96 9.71 -11.51 -1.75
C VAL A 96 9.06 -12.84 -1.33
N THR A 97 8.23 -13.43 -2.19
CA THR A 97 7.70 -14.78 -1.94
C THR A 97 8.12 -15.76 -3.03
N VAL A 98 8.66 -16.91 -2.65
CA VAL A 98 9.05 -17.90 -3.64
C VAL A 98 8.20 -19.17 -3.53
N SER A 99 7.77 -19.67 -4.69
CA SER A 99 7.03 -20.92 -4.77
C SER A 99 7.08 -21.47 -6.19
N GLY A 100 7.30 -22.77 -6.31
CA GLY A 100 7.16 -23.46 -7.58
C GLY A 100 7.94 -22.87 -8.75
N GLY A 101 9.21 -22.55 -8.51
CA GLY A 101 10.03 -22.01 -9.59
C GLY A 101 9.86 -20.53 -9.87
N HIS A 102 8.97 -19.88 -9.11
CA HIS A 102 8.68 -18.47 -9.29
C HIS A 102 9.07 -17.62 -8.06
N VAL A 103 9.55 -16.41 -8.36
CA VAL A 103 9.86 -15.37 -7.38
C VAL A 103 8.82 -14.27 -7.55
N TYR A 104 7.98 -14.05 -6.54
CA TYR A 104 6.87 -13.10 -6.65
C TYR A 104 7.12 -11.82 -5.88
N ILE A 105 6.91 -10.69 -6.55
CA ILE A 105 7.12 -9.37 -5.92
C ILE A 105 6.04 -8.39 -6.34
N GLY A 106 5.39 -7.74 -5.38
CA GLY A 106 4.42 -6.69 -5.70
C GLY A 106 5.07 -5.32 -5.59
N SER A 107 4.59 -4.37 -6.39
CA SER A 107 5.14 -3.01 -6.39
C SER A 107 4.07 -1.94 -6.16
N GLU A 108 4.53 -0.73 -5.82
CA GLU A 108 3.63 0.38 -5.55
C GLU A 108 3.29 1.10 -6.84
N LYS A 109 3.76 0.59 -7.97
CA LYS A 109 3.18 0.98 -9.26
C LYS A 109 2.11 -0.01 -9.72
N ALA A 110 1.56 -0.78 -8.77
CA ALA A 110 0.48 -1.74 -9.02
C ALA A 110 0.89 -2.82 -10.03
N GLN A 111 2.13 -3.28 -9.93
CA GLN A 111 2.60 -4.42 -10.73
C GLN A 111 2.84 -5.62 -9.82
N VAL A 112 2.60 -6.82 -10.33
CA VAL A 112 3.06 -8.05 -9.69
C VAL A 112 3.95 -8.80 -10.68
N TYR A 113 5.18 -9.08 -10.26
CA TYR A 113 6.14 -9.77 -11.09
C TYR A 113 6.28 -11.23 -10.66
N ALA A 114 6.41 -12.12 -11.64
CA ALA A 114 6.83 -13.49 -11.38
C ALA A 114 8.12 -13.74 -12.10
N LEU A 115 9.21 -13.88 -11.36
CA LEU A 115 10.50 -14.19 -11.97
C LEU A 115 10.86 -15.67 -11.82
N ASN A 116 11.56 -16.20 -12.82
CA ASN A 116 12.04 -17.57 -12.76
C ASN A 116 13.20 -17.67 -11.76
N THR A 117 13.15 -18.68 -10.90
CA THR A 117 14.18 -18.82 -9.88
C THR A 117 15.55 -19.11 -10.49
N SER A 118 15.57 -19.78 -11.65
CA SER A 118 16.82 -20.21 -12.25
C SER A 118 17.68 -19.04 -12.70
N ASP A 119 17.08 -18.04 -13.32
CA ASP A 119 17.90 -16.97 -13.90
C ASP A 119 17.32 -15.57 -13.75
N GLY A 120 16.18 -15.44 -13.08
CA GLY A 120 15.64 -14.12 -12.80
C GLY A 120 14.93 -13.48 -13.98
N THR A 121 14.68 -14.26 -15.03
CA THR A 121 13.90 -13.74 -16.16
C THR A 121 12.46 -13.59 -15.73
N VAL A 122 11.79 -12.57 -16.26
CA VAL A 122 10.38 -12.36 -15.99
C VAL A 122 9.50 -13.39 -16.70
N ALA A 123 8.88 -14.29 -15.93
CA ALA A 123 7.95 -15.25 -16.51
C ALA A 123 6.72 -14.49 -16.92
N TRP A 124 6.23 -13.65 -16.01
CA TRP A 124 5.14 -12.76 -16.31
C TRP A 124 5.06 -11.57 -15.35
N GLN A 125 4.25 -10.59 -15.75
CA GLN A 125 4.09 -9.34 -15.04
C GLN A 125 2.65 -8.89 -15.24
N THR A 126 1.97 -8.57 -14.16
CA THR A 126 0.54 -8.24 -14.21
C THR A 126 0.25 -6.89 -13.57
N LYS A 127 -0.57 -6.08 -14.22
CA LYS A 127 -1.07 -4.87 -13.61
C LYS A 127 -2.21 -5.22 -12.68
N VAL A 128 -2.12 -4.82 -11.42
CA VAL A 128 -3.15 -5.18 -10.47
C VAL A 128 -3.93 -3.93 -10.10
N ALA A 129 -4.86 -4.04 -9.15
CA ALA A 129 -5.83 -2.96 -8.94
C ALA A 129 -5.25 -1.72 -8.23
N GLY A 130 -4.11 -1.87 -7.57
CA GLY A 130 -3.55 -0.81 -6.75
C GLY A 130 -2.17 -1.17 -6.24
N GLU A 131 -1.57 -0.30 -5.42
CA GLU A 131 -0.23 -0.56 -4.88
C GLU A 131 -0.22 -1.95 -4.20
N ALA A 132 0.66 -2.84 -4.65
CA ALA A 132 0.63 -4.21 -4.18
C ALA A 132 1.56 -4.39 -2.98
N LEU A 133 1.05 -4.00 -1.80
CA LEU A 133 1.89 -3.90 -0.60
C LEU A 133 2.15 -5.21 0.14
N SER A 134 1.24 -6.17 0.00
CA SER A 134 1.27 -7.37 0.84
C SER A 134 2.30 -8.40 0.36
N ARG A 135 2.78 -9.21 1.30
CA ARG A 135 3.55 -10.40 0.99
C ARG A 135 2.68 -11.32 0.14
N PRO A 136 3.11 -11.60 -1.10
CA PRO A 136 2.26 -12.46 -1.95
C PRO A 136 2.11 -13.82 -1.30
N VAL A 137 0.94 -14.41 -1.43
CA VAL A 137 0.65 -15.70 -0.82
C VAL A 137 0.21 -16.68 -1.91
N VAL A 138 0.92 -17.80 -1.99
CA VAL A 138 0.69 -18.78 -3.04
C VAL A 138 -0.02 -20.01 -2.52
N SER A 139 -1.13 -20.36 -3.15
CA SER A 139 -1.95 -21.48 -2.70
C SER A 139 -2.94 -21.90 -3.78
N ASP A 140 -3.11 -23.22 -3.96
CA ASP A 140 -4.14 -23.72 -4.85
C ASP A 140 -3.94 -23.18 -6.28
N GLY A 141 -2.69 -23.03 -6.71
CA GLY A 141 -2.41 -22.60 -8.07
C GLY A 141 -2.59 -21.10 -8.29
N LEU A 142 -2.84 -20.36 -7.20
CA LEU A 142 -3.09 -18.93 -7.30
C LEU A 142 -2.05 -18.10 -6.51
N VAL A 143 -1.92 -16.83 -6.85
CA VAL A 143 -1.06 -15.89 -6.12
C VAL A 143 -1.93 -14.78 -5.55
N LEU A 144 -2.00 -14.67 -4.23
CA LEU A 144 -2.94 -13.73 -3.60
C LEU A 144 -2.27 -12.38 -3.28
N ILE A 145 -2.90 -11.29 -3.73
CA ILE A 145 -2.33 -9.94 -3.62
C ILE A 145 -3.33 -9.00 -2.96
N HIS A 146 -2.86 -8.21 -1.99
CA HIS A 146 -3.74 -7.32 -1.24
C HIS A 146 -3.23 -5.89 -1.44
N THR A 147 -4.05 -5.07 -2.12
CA THR A 147 -3.64 -3.74 -2.54
C THR A 147 -4.01 -2.63 -1.54
N SER A 148 -3.32 -1.49 -1.63
CA SER A 148 -3.55 -0.38 -0.71
C SER A 148 -4.93 0.27 -0.90
N ASN A 149 -5.58 0.04 -2.04
CA ASN A 149 -6.93 0.55 -2.20
C ASN A 149 -7.98 -0.53 -1.88
N GLY A 150 -7.58 -1.51 -1.08
CA GLY A 150 -8.53 -2.46 -0.51
C GLY A 150 -9.00 -3.63 -1.38
N GLN A 151 -8.22 -4.00 -2.38
CA GLN A 151 -8.58 -5.13 -3.22
C GLN A 151 -7.75 -6.37 -2.90
N LEU A 152 -8.42 -7.52 -2.82
CA LEU A 152 -7.76 -8.80 -2.75
C LEU A 152 -7.91 -9.50 -4.09
N GLN A 153 -6.79 -9.82 -4.74
CA GLN A 153 -6.86 -10.39 -6.08
C GLN A 153 -6.10 -11.71 -6.16
N ALA A 154 -6.61 -12.63 -6.98
CA ALA A 154 -5.94 -13.90 -7.19
C ALA A 154 -5.45 -13.97 -8.63
N LEU A 155 -4.15 -14.22 -8.78
CA LEU A 155 -3.54 -14.28 -10.10
C LEU A 155 -3.11 -15.70 -10.36
N ASN A 156 -3.31 -16.15 -11.58
CA ASN A 156 -2.90 -17.49 -11.93
C ASN A 156 -1.38 -17.61 -11.86
N GLU A 157 -0.88 -18.67 -11.23
CA GLU A 157 0.57 -18.88 -11.12
C GLU A 157 1.28 -18.99 -12.47
N ALA A 158 0.59 -19.54 -13.48
CA ALA A 158 1.25 -19.85 -14.74
C ALA A 158 1.37 -18.67 -15.72
N ASP A 159 0.38 -17.77 -15.77
CA ASP A 159 0.48 -16.59 -16.65
C ASP A 159 0.13 -15.25 -15.98
N GLY A 160 -0.16 -15.26 -14.69
CA GLY A 160 -0.43 -14.02 -13.96
C GLY A 160 -1.78 -13.36 -14.17
N ALA A 161 -2.63 -13.97 -14.98
CA ALA A 161 -3.94 -13.43 -15.26
C ALA A 161 -4.76 -13.37 -13.98
N VAL A 162 -5.45 -12.26 -13.77
CA VAL A 162 -6.27 -12.08 -12.59
C VAL A 162 -7.57 -12.88 -12.69
N LYS A 163 -7.77 -13.82 -11.77
CA LYS A 163 -8.91 -14.71 -11.82
C LYS A 163 -10.10 -14.10 -11.09
N TRP A 164 -9.85 -13.45 -9.96
CA TRP A 164 -10.93 -12.80 -9.24
C TRP A 164 -10.42 -11.70 -8.33
N THR A 165 -11.36 -10.84 -7.95
CA THR A 165 -11.10 -9.68 -7.14
C THR A 165 -12.19 -9.56 -6.08
N VAL A 166 -11.78 -9.27 -4.85
CA VAL A 166 -12.71 -9.00 -3.77
C VAL A 166 -12.46 -7.59 -3.25
N ASN A 167 -13.52 -6.77 -3.23
CA ASN A 167 -13.42 -5.43 -2.65
C ASN A 167 -13.63 -5.45 -1.14
N LEU A 168 -12.68 -4.85 -0.42
CA LEU A 168 -12.77 -4.71 1.02
C LEU A 168 -12.93 -3.23 1.37
N ASP A 169 -13.71 -2.93 2.40
CA ASP A 169 -14.04 -1.54 2.68
C ASP A 169 -12.84 -0.81 3.27
N MET A 170 -12.57 0.38 2.77
CA MET A 170 -11.44 1.17 3.25
C MET A 170 -11.90 2.29 4.19
N PRO A 171 -11.28 2.39 5.36
CA PRO A 171 -11.61 3.54 6.19
C PRO A 171 -10.96 4.80 5.64
N SER A 172 -11.22 5.93 6.29
CA SER A 172 -10.76 7.23 5.82
C SER A 172 -9.28 7.41 6.07
N LEU A 173 -8.83 6.88 7.20
CA LEU A 173 -7.41 6.79 7.52
C LEU A 173 -7.11 5.34 7.88
N SER A 174 -5.92 4.87 7.50
CA SER A 174 -5.48 3.53 7.84
C SER A 174 -3.98 3.52 8.13
N LEU A 175 -3.44 2.34 8.44
CA LEU A 175 -2.01 2.16 8.61
C LEU A 175 -1.37 1.65 7.31
N ARG A 176 -0.23 2.21 6.91
CA ARG A 176 0.47 1.76 5.72
C ARG A 176 0.80 0.26 5.83
N GLY A 177 0.29 -0.51 4.87
CA GLY A 177 0.50 -1.94 4.85
C GLY A 177 -0.80 -2.70 4.64
N GLU A 178 -0.69 -3.94 4.15
CA GLU A 178 -1.87 -4.73 3.86
C GLU A 178 -1.70 -6.17 4.34
N SER A 179 -2.78 -6.74 4.90
CA SER A 179 -2.72 -8.11 5.39
C SER A 179 -2.52 -9.12 4.27
N ALA A 180 -1.52 -9.97 4.45
CA ALA A 180 -1.36 -11.18 3.65
C ALA A 180 -2.24 -12.30 4.22
N PRO A 181 -3.07 -12.90 3.36
CA PRO A 181 -4.01 -13.90 3.84
C PRO A 181 -3.32 -15.21 4.19
N THR A 182 -3.92 -15.96 5.11
CA THR A 182 -3.55 -17.36 5.20
C THR A 182 -4.57 -18.17 4.39
N THR A 183 -4.31 -19.46 4.17
CA THR A 183 -5.22 -20.32 3.42
C THR A 183 -5.43 -21.64 4.17
N ALA A 184 -6.63 -22.19 4.05
CA ALA A 184 -6.96 -23.49 4.65
C ALA A 184 -8.26 -24.02 4.04
N PHE A 185 -8.24 -25.29 3.66
CA PHE A 185 -9.44 -25.96 3.17
C PHE A 185 -10.07 -25.23 2.00
N GLY A 186 -9.25 -24.59 1.18
CA GLY A 186 -9.72 -23.91 -0.03
C GLY A 186 -10.23 -22.50 0.20
N ALA A 187 -10.07 -21.99 1.41
CA ALA A 187 -10.45 -20.61 1.68
C ALA A 187 -9.21 -19.77 1.92
N ALA A 188 -9.30 -18.49 1.62
CA ALA A 188 -8.30 -17.53 2.06
C ALA A 188 -8.90 -16.76 3.22
N VAL A 189 -8.11 -16.52 4.25
CA VAL A 189 -8.58 -15.73 5.39
C VAL A 189 -7.68 -14.50 5.52
N VAL A 190 -8.26 -13.31 5.34
CA VAL A 190 -7.47 -12.11 5.22
C VAL A 190 -7.94 -11.05 6.21
N GLY A 191 -6.99 -10.26 6.71
CA GLY A 191 -7.31 -9.08 7.48
C GLY A 191 -7.71 -7.92 6.59
N GLY A 192 -8.57 -7.06 7.11
CA GLY A 192 -9.01 -5.88 6.39
C GLY A 192 -8.59 -4.62 7.12
N ASP A 193 -8.59 -3.50 6.41
CA ASP A 193 -8.10 -2.27 7.04
C ASP A 193 -9.14 -1.60 7.93
N ASN A 194 -10.36 -2.14 7.92
CA ASN A 194 -11.46 -1.60 8.71
C ASN A 194 -11.82 -2.50 9.89
N GLY A 195 -10.86 -3.29 10.36
CA GLY A 195 -11.05 -4.06 11.57
C GLY A 195 -11.78 -5.39 11.40
N ARG A 196 -12.03 -5.75 10.15
CA ARG A 196 -12.70 -7.02 9.86
C ARG A 196 -11.75 -8.06 9.31
N VAL A 197 -11.99 -9.32 9.71
CA VAL A 197 -11.39 -10.48 9.06
C VAL A 197 -12.37 -11.10 8.07
N SER A 198 -11.89 -11.44 6.88
CA SER A 198 -12.75 -12.01 5.85
C SER A 198 -12.25 -13.35 5.38
N ALA A 199 -13.19 -14.27 5.18
CA ALA A 199 -12.91 -15.57 4.60
C ALA A 199 -13.57 -15.64 3.22
N VAL A 200 -12.77 -15.98 2.21
CA VAL A 200 -13.25 -16.01 0.84
C VAL A 200 -12.83 -17.33 0.21
N LEU A 201 -13.74 -17.93 -0.57
CA LEU A 201 -13.44 -19.18 -1.25
C LEU A 201 -12.48 -18.92 -2.40
N MET A 202 -11.45 -19.74 -2.54
CA MET A 202 -10.47 -19.42 -3.54
C MET A 202 -10.81 -19.86 -4.96
N GLU A 203 -11.80 -20.73 -5.08
CA GLU A 203 -12.31 -21.09 -6.41
C GLU A 203 -12.65 -19.85 -7.23
N GLN A 204 -13.56 -19.01 -6.73
CA GLN A 204 -13.96 -17.83 -7.50
C GLN A 204 -14.06 -16.57 -6.65
N GLY A 205 -13.37 -16.56 -5.52
CA GLY A 205 -13.40 -15.40 -4.65
C GLY A 205 -14.73 -15.18 -3.95
N GLN A 206 -15.49 -16.26 -3.73
CA GLN A 206 -16.78 -16.12 -3.08
C GLN A 206 -16.62 -15.70 -1.62
N MET A 207 -17.23 -14.58 -1.23
CA MET A 207 -17.20 -14.15 0.16
C MET A 207 -17.96 -15.17 1.01
N ILE A 208 -17.34 -15.65 2.08
CA ILE A 208 -17.95 -16.67 2.93
C ILE A 208 -18.46 -16.02 4.20
N TRP A 209 -17.55 -15.41 4.96
CA TRP A 209 -17.96 -14.69 6.14
C TRP A 209 -17.03 -13.52 6.44
N GLN A 210 -17.53 -12.57 7.21
CA GLN A 210 -16.78 -11.39 7.61
C GLN A 210 -17.08 -11.09 9.07
N GLN A 211 -16.04 -10.89 9.86
CA GLN A 211 -16.20 -10.68 11.29
C GLN A 211 -15.35 -9.50 11.77
N ARG A 212 -15.99 -8.54 12.45
CA ARG A 212 -15.23 -7.44 13.04
C ARG A 212 -14.50 -7.89 14.30
N ILE A 213 -13.22 -7.59 14.38
CA ILE A 213 -12.46 -7.93 15.57
C ILE A 213 -11.87 -6.71 16.26
N SER A 214 -12.09 -5.54 15.67
CA SER A 214 -11.67 -4.28 16.28
C SER A 214 -12.64 -3.84 17.38
N ILE A 222 -7.81 8.02 14.87
CA ILE A 222 -6.42 7.64 15.09
C ILE A 222 -6.32 6.67 16.26
N ASP A 223 -7.15 6.90 17.29
CA ASP A 223 -7.41 5.85 18.24
C ASP A 223 -8.55 5.01 17.70
N ARG A 224 -9.13 5.49 16.61
CA ARG A 224 -10.10 4.73 15.86
C ARG A 224 -9.44 3.87 14.76
N LEU A 225 -8.11 3.99 14.61
CA LEU A 225 -7.36 3.10 13.72
C LEU A 225 -7.61 1.64 14.09
N SER A 226 -7.85 0.79 13.10
CA SER A 226 -8.28 -0.57 13.41
C SER A 226 -7.80 -1.65 12.44
N ASP A 227 -6.79 -1.33 11.63
CA ASP A 227 -6.22 -2.27 10.64
C ASP A 227 -5.95 -3.70 11.16
N VAL A 228 -6.41 -4.68 10.41
CA VAL A 228 -5.85 -6.00 10.56
C VAL A 228 -4.83 -6.16 9.44
N ASP A 229 -3.60 -5.73 9.70
CA ASP A 229 -2.52 -5.82 8.72
C ASP A 229 -1.68 -7.08 8.89
N THR A 230 -1.92 -7.75 10.00
CA THR A 230 -1.20 -8.98 10.33
C THR A 230 -1.71 -10.15 9.48
N THR A 231 -0.87 -11.18 9.35
CA THR A 231 -1.26 -12.41 8.66
C THR A 231 -2.09 -13.26 9.64
N PRO A 232 -3.32 -13.66 9.24
CA PRO A 232 -4.01 -14.55 10.16
C PRO A 232 -3.29 -15.90 10.24
N VAL A 233 -3.47 -16.60 11.36
CA VAL A 233 -2.90 -17.94 11.53
C VAL A 233 -4.02 -18.93 11.83
N VAL A 234 -4.05 -20.00 11.05
CA VAL A 234 -5.12 -20.99 11.18
C VAL A 234 -4.52 -22.27 11.77
N VAL A 235 -5.09 -22.72 12.88
CA VAL A 235 -4.62 -23.93 13.55
C VAL A 235 -5.82 -24.73 14.07
N ASN A 236 -5.97 -25.98 13.64
CA ASN A 236 -7.02 -26.84 14.19
C ASN A 236 -8.42 -26.23 14.12
N GLY A 237 -8.83 -25.78 12.92
CA GLY A 237 -10.15 -25.20 12.74
C GLY A 237 -10.40 -23.87 13.43
N VAL A 238 -9.34 -23.21 13.88
CA VAL A 238 -9.43 -21.92 14.54
C VAL A 238 -8.59 -20.90 13.78
N VAL A 239 -9.14 -19.72 13.56
CA VAL A 239 -8.41 -18.60 13.00
C VAL A 239 -8.01 -17.62 14.10
N PHE A 240 -6.71 -17.36 14.23
CA PHE A 240 -6.20 -16.34 15.13
C PHE A 240 -5.82 -15.09 14.29
N ALA A 241 -6.37 -13.96 14.68
CA ALA A 241 -6.11 -12.69 14.02
C ALA A 241 -5.92 -11.60 15.06
N LEU A 242 -5.24 -10.54 14.64
CA LEU A 242 -4.83 -9.46 15.51
C LEU A 242 -5.02 -8.11 14.81
N ALA A 243 -5.83 -7.24 15.40
CA ALA A 243 -6.00 -5.89 14.87
C ALA A 243 -5.18 -4.86 15.65
N TYR A 244 -4.76 -3.80 14.97
CA TYR A 244 -4.14 -2.67 15.64
C TYR A 244 -5.16 -2.02 16.60
N ASN A 245 -4.69 -1.55 17.75
CA ASN A 245 -5.56 -1.08 18.84
C ASN A 245 -6.51 -2.16 19.38
N GLY A 246 -6.22 -3.43 19.13
CA GLY A 246 -7.03 -4.54 19.64
C GLY A 246 -8.15 -4.93 18.69
N ASN A 247 -8.58 -6.19 18.72
CA ASN A 247 -8.10 -7.22 19.65
C ASN A 247 -7.39 -8.38 18.95
N LEU A 248 -6.67 -9.16 19.76
CA LEU A 248 -6.29 -10.50 19.40
C LEU A 248 -7.51 -11.38 19.63
N THR A 249 -7.97 -12.04 18.57
CA THR A 249 -9.18 -12.85 18.64
C THR A 249 -8.98 -14.22 18.03
N ALA A 250 -9.66 -15.21 18.60
CA ALA A 250 -9.75 -16.54 18.02
C ALA A 250 -11.12 -16.70 17.40
N LEU A 251 -11.14 -17.12 16.13
CA LEU A 251 -12.39 -17.29 15.42
C LEU A 251 -12.58 -18.73 14.96
N ASP A 252 -13.83 -19.18 15.00
CA ASP A 252 -14.17 -20.46 14.41
C ASP A 252 -13.94 -20.36 12.91
N LEU A 253 -13.09 -21.23 12.36
CA LEU A 253 -12.77 -21.16 10.93
C LEU A 253 -14.03 -21.30 10.07
N ARG A 254 -14.91 -22.23 10.43
CA ARG A 254 -16.05 -22.53 9.57
C ARG A 254 -17.02 -21.36 9.47
N SER A 255 -17.24 -20.64 10.57
CA SER A 255 -18.34 -19.68 10.64
C SER A 255 -17.91 -18.24 10.89
N GLY A 256 -16.72 -18.05 11.44
CA GLY A 256 -16.25 -16.72 11.76
C GLY A 256 -16.69 -16.25 13.14
N GLN A 257 -17.35 -17.11 13.90
CA GLN A 257 -17.82 -16.70 15.21
C GLN A 257 -16.65 -16.51 16.17
N ILE A 258 -16.71 -15.47 16.99
CA ILE A 258 -15.63 -15.18 17.93
C ILE A 258 -15.67 -16.13 19.12
N MET A 259 -14.55 -16.80 19.36
CA MET A 259 -14.42 -17.73 20.47
C MET A 259 -13.89 -17.05 21.73
N TRP A 260 -12.84 -16.27 21.58
CA TRP A 260 -12.36 -15.42 22.65
C TRP A 260 -11.62 -14.22 22.10
N LYS A 261 -11.37 -13.24 22.96
CA LYS A 261 -10.65 -12.04 22.56
C LYS A 261 -9.77 -11.57 23.70
N ARG A 262 -8.65 -10.93 23.35
CA ARG A 262 -7.74 -10.29 24.30
C ARG A 262 -7.50 -8.86 23.82
N GLU A 263 -7.57 -7.91 24.74
CA GLU A 263 -7.33 -6.52 24.39
C GLU A 263 -5.84 -6.26 24.20
N LEU A 264 -5.32 -6.78 23.09
CA LEU A 264 -3.94 -6.60 22.65
C LEU A 264 -3.95 -6.21 21.17
N GLY A 265 -3.00 -5.36 20.76
CA GLY A 265 -2.99 -4.85 19.40
C GLY A 265 -1.62 -4.87 18.75
N SER A 266 -1.59 -5.05 17.43
CA SER A 266 -0.35 -5.07 16.68
C SER A 266 -0.58 -5.01 15.19
N VAL A 267 0.50 -4.70 14.48
CA VAL A 267 0.57 -4.70 13.03
C VAL A 267 1.56 -5.80 12.62
N ASN A 268 2.30 -6.31 13.61
CA ASN A 268 3.29 -7.37 13.40
C ASN A 268 2.68 -8.77 13.39
N ASP A 269 3.19 -9.63 12.52
CA ASP A 269 2.80 -11.03 12.51
C ASP A 269 3.13 -11.63 13.88
N PHE A 270 2.31 -12.60 14.31
CA PHE A 270 2.51 -13.36 15.55
C PHE A 270 2.72 -14.85 15.22
N ILE A 271 3.16 -15.62 16.21
CA ILE A 271 3.49 -17.02 16.03
C ILE A 271 2.54 -17.88 16.86
N VAL A 272 1.99 -18.94 16.26
CA VAL A 272 1.32 -19.97 17.08
C VAL A 272 2.20 -21.21 17.00
N ASP A 273 2.75 -21.63 18.14
CA ASP A 273 3.66 -22.78 18.15
C ASP A 273 3.48 -23.53 19.44
N GLY A 274 3.38 -24.85 19.33
CA GLY A 274 3.01 -25.67 20.48
C GLY A 274 1.62 -25.22 20.88
N ASN A 275 1.41 -25.06 22.17
CA ASN A 275 0.17 -24.47 22.63
C ASN A 275 0.40 -23.02 23.07
N ARG A 276 1.29 -22.32 22.38
CA ARG A 276 1.63 -20.93 22.69
C ARG A 276 1.38 -19.96 21.54
N ILE A 277 1.00 -18.74 21.91
CA ILE A 277 0.97 -17.60 20.99
C ILE A 277 2.08 -16.64 21.40
N TYR A 278 2.96 -16.30 20.45
CA TYR A 278 3.98 -15.30 20.74
C TYR A 278 3.74 -14.08 19.87
N LEU A 279 3.72 -12.91 20.49
CA LEU A 279 3.45 -11.70 19.73
C LEU A 279 4.33 -10.52 20.18
N VAL A 280 4.44 -9.55 19.28
CA VAL A 280 5.04 -8.25 19.57
C VAL A 280 3.98 -7.19 19.37
N ASP A 281 3.53 -6.53 20.44
CA ASP A 281 2.39 -5.62 20.28
C ASP A 281 2.86 -4.28 19.73
N GLN A 282 1.89 -3.40 19.47
CA GLN A 282 2.15 -2.13 18.81
C GLN A 282 3.03 -1.15 19.59
N ASN A 283 3.28 -1.43 20.87
CA ASN A 283 4.24 -0.63 21.63
C ASN A 283 5.55 -1.36 21.86
N ASP A 284 5.71 -2.51 21.22
CA ASP A 284 6.93 -3.34 21.29
C ASP A 284 7.10 -4.10 22.60
N ARG A 285 5.99 -4.35 23.30
CA ARG A 285 5.98 -5.40 24.30
C ARG A 285 6.00 -6.75 23.60
N VAL A 286 6.91 -7.62 24.02
CA VAL A 286 6.95 -9.01 23.59
C VAL A 286 6.18 -9.87 24.61
N MET A 287 5.32 -10.79 24.15
CA MET A 287 4.47 -11.58 25.05
C MET A 287 4.25 -13.02 24.60
N ALA A 288 4.06 -13.90 25.58
CA ALA A 288 3.61 -15.27 25.31
C ALA A 288 2.26 -15.49 26.00
N LEU A 289 1.33 -16.09 25.26
CA LEU A 289 0.00 -16.35 25.76
C LEU A 289 -0.33 -17.83 25.56
N THR A 290 -1.35 -18.32 26.26
CA THR A 290 -1.86 -19.66 26.01
C THR A 290 -2.74 -19.63 24.77
N ILE A 291 -2.70 -20.70 23.99
CA ILE A 291 -3.54 -20.79 22.80
C ILE A 291 -5.01 -20.93 23.20
N ASP A 292 -5.24 -21.47 24.39
CA ASP A 292 -6.61 -21.73 24.82
C ASP A 292 -7.14 -20.61 25.70
N GLY A 293 -7.55 -19.51 25.08
CA GLY A 293 -8.12 -18.40 25.83
C GLY A 293 -7.27 -17.14 25.82
N GLY A 294 -6.02 -17.27 25.40
CA GLY A 294 -5.13 -16.13 25.32
C GLY A 294 -4.71 -15.54 26.66
N VAL A 295 -4.53 -16.39 27.66
CA VAL A 295 -4.06 -15.93 28.95
C VAL A 295 -2.55 -15.69 28.90
N THR A 296 -2.10 -14.53 29.37
CA THR A 296 -0.69 -14.21 29.29
C THR A 296 0.18 -15.07 30.22
N LEU A 297 1.25 -15.61 29.67
CA LEU A 297 2.23 -16.37 30.44
C LEU A 297 3.37 -15.48 30.91
N TRP A 298 3.84 -14.59 30.02
CA TRP A 298 4.82 -13.58 30.40
C TRP A 298 4.84 -12.39 29.44
N THR A 299 5.47 -11.32 29.92
CA THR A 299 5.63 -10.08 29.15
C THR A 299 7.08 -9.65 29.25
N GLN A 300 7.61 -9.13 28.15
CA GLN A 300 8.93 -8.51 28.17
C GLN A 300 8.78 -7.12 27.55
N SER A 301 8.96 -6.10 28.38
CA SER A 301 8.67 -4.72 28.00
C SER A 301 9.91 -3.85 27.86
N ASP A 302 11.10 -4.43 27.95
CA ASP A 302 12.28 -3.60 27.96
C ASP A 302 12.63 -2.95 26.61
N LEU A 303 12.05 -3.44 25.53
CA LEU A 303 12.35 -2.90 24.20
C LEU A 303 11.26 -1.94 23.75
N LEU A 304 10.53 -1.38 24.72
CA LEU A 304 9.38 -0.54 24.42
C LEU A 304 9.72 0.62 23.48
N HIS A 305 8.94 0.75 22.42
CA HIS A 305 9.11 1.80 21.41
C HIS A 305 10.47 1.78 20.68
N ARG A 306 11.19 0.67 20.70
CA ARG A 306 12.37 0.54 19.85
C ARG A 306 12.01 0.10 18.43
N LEU A 307 10.71 0.03 18.14
CA LEU A 307 10.20 -0.32 16.81
C LEU A 307 10.74 -1.68 16.36
N LEU A 308 10.19 -2.74 16.94
CA LEU A 308 10.63 -4.09 16.63
C LEU A 308 10.05 -4.62 15.33
N THR A 309 10.81 -5.50 14.68
CA THR A 309 10.26 -6.31 13.60
C THR A 309 9.29 -7.33 14.21
N SER A 310 8.54 -8.04 13.37
CA SER A 310 7.76 -9.14 13.91
C SER A 310 8.75 -10.26 14.31
N PRO A 311 8.33 -11.16 15.21
CA PRO A 311 9.26 -12.19 15.69
C PRO A 311 9.37 -13.44 14.81
N VAL A 312 10.40 -14.21 15.07
CA VAL A 312 10.65 -15.47 14.39
C VAL A 312 11.21 -16.44 15.44
N LEU A 313 10.86 -17.72 15.37
CA LEU A 313 11.50 -18.73 16.21
C LEU A 313 12.76 -19.27 15.53
N TYR A 314 13.90 -19.13 16.20
CA TYR A 314 15.14 -19.68 15.66
C TYR A 314 15.86 -20.48 16.74
N ASN A 315 16.10 -21.75 16.44
CA ASN A 315 16.69 -22.70 17.38
C ASN A 315 16.18 -22.56 18.79
N GLY A 316 14.86 -22.59 18.95
CA GLY A 316 14.24 -22.53 20.27
C GLY A 316 13.86 -21.14 20.75
N ASN A 317 14.58 -20.12 20.28
CA ASN A 317 14.40 -18.75 20.76
C ASN A 317 13.53 -17.86 19.85
N LEU A 318 12.85 -16.90 20.46
CA LEU A 318 12.26 -15.78 19.72
C LEU A 318 13.34 -14.78 19.32
N VAL A 319 13.32 -14.35 18.06
CA VAL A 319 14.27 -13.34 17.59
C VAL A 319 13.51 -12.18 16.96
N VAL A 320 13.86 -10.96 17.40
CA VAL A 320 13.35 -9.74 16.78
C VAL A 320 14.50 -8.76 16.47
N GLY A 321 14.31 -7.91 15.45
CA GLY A 321 15.27 -6.86 15.15
C GLY A 321 14.67 -5.54 15.61
N ASP A 322 15.49 -4.50 15.80
CA ASP A 322 14.93 -3.20 16.15
C ASP A 322 15.43 -2.10 15.19
N SER A 323 14.82 -0.92 15.27
CA SER A 323 15.21 0.19 14.39
C SER A 323 16.69 0.60 14.52
N GLU A 324 17.36 0.23 15.60
CA GLU A 324 18.78 0.59 15.75
C GLU A 324 19.70 -0.46 15.16
N GLY A 325 19.14 -1.57 14.71
CA GLY A 325 19.96 -2.60 14.09
C GLY A 325 20.52 -3.66 15.01
N TYR A 326 19.87 -3.86 16.15
CA TYR A 326 20.21 -4.99 17.01
C TYR A 326 19.26 -6.15 16.73
N LEU A 327 19.76 -7.36 16.97
CA LEU A 327 18.89 -8.53 17.11
C LEU A 327 18.81 -8.89 18.59
N HIS A 328 17.60 -9.19 19.06
CA HIS A 328 17.41 -9.64 20.41
C HIS A 328 16.95 -11.08 20.41
N TRP A 329 17.58 -11.90 21.24
CA TRP A 329 17.21 -13.30 21.37
C TRP A 329 16.50 -13.51 22.72
N ILE A 330 15.29 -14.08 22.67
CA ILE A 330 14.43 -14.17 23.84
C ILE A 330 14.01 -15.61 24.10
N ASN A 331 14.17 -16.06 25.34
CA ASN A 331 13.77 -17.40 25.73
C ASN A 331 12.25 -17.52 25.80
N VAL A 332 11.68 -18.54 25.18
CA VAL A 332 10.23 -18.62 25.07
C VAL A 332 9.54 -19.04 26.37
N GLU A 333 10.29 -19.66 27.29
CA GLU A 333 9.69 -20.09 28.54
C GLU A 333 9.38 -18.91 29.49
N ASP A 334 10.29 -17.93 29.57
CA ASP A 334 10.17 -16.89 30.58
C ASP A 334 10.30 -15.44 30.08
N GLY A 335 10.52 -15.25 28.78
CA GLY A 335 10.66 -13.91 28.22
C GLY A 335 11.97 -13.22 28.58
N ARG A 336 12.97 -14.02 28.94
CA ARG A 336 14.27 -13.50 29.32
C ARG A 336 15.17 -13.36 28.10
N PHE A 337 15.98 -12.30 28.06
CA PHE A 337 16.97 -12.15 27.01
C PHE A 337 18.07 -13.18 27.19
N VAL A 338 18.40 -13.92 26.14
CA VAL A 338 19.55 -14.82 26.24
C VAL A 338 20.73 -14.29 25.44
N ALA A 339 20.45 -13.38 24.49
CA ALA A 339 21.48 -12.71 23.70
C ALA A 339 21.00 -11.46 22.96
N GLN A 340 21.99 -10.63 22.72
CA GLN A 340 21.88 -9.43 21.91
C GLN A 340 23.14 -9.14 21.08
N GLN A 341 22.92 -8.78 19.82
CA GLN A 341 24.02 -8.52 18.91
C GLN A 341 23.72 -7.28 18.08
N LYS A 342 24.76 -6.46 17.93
CA LYS A 342 24.74 -5.29 17.09
C LYS A 342 25.07 -5.77 15.70
N VAL A 343 24.13 -5.62 14.76
CA VAL A 343 24.31 -6.19 13.43
C VAL A 343 24.46 -5.14 12.34
N ASP A 344 23.58 -4.16 12.30
CA ASP A 344 23.59 -3.21 11.20
C ASP A 344 23.20 -1.79 11.59
N SER A 345 23.98 -0.82 11.16
CA SER A 345 23.73 0.57 11.53
C SER A 345 22.50 1.22 10.87
N SER A 346 22.08 0.77 9.69
CA SER A 346 20.92 1.43 9.07
C SER A 346 19.62 1.01 9.75
N GLY A 347 19.66 -0.09 10.49
CA GLY A 347 18.51 -0.49 11.28
C GLY A 347 17.62 -1.53 10.60
N PHE A 348 16.74 -2.15 11.38
CA PHE A 348 15.85 -3.18 10.86
C PHE A 348 14.42 -2.67 10.82
N GLN A 349 13.61 -3.25 9.94
CA GLN A 349 12.20 -2.93 9.92
C GLN A 349 11.40 -4.11 9.43
N THR A 350 11.79 -4.67 8.29
CA THR A 350 11.05 -5.77 7.70
C THR A 350 11.33 -7.09 8.40
N GLU A 351 10.49 -8.09 8.13
CA GLU A 351 10.47 -9.30 8.94
C GLU A 351 11.71 -10.18 8.72
N PRO A 352 12.22 -10.75 9.82
CA PRO A 352 13.27 -11.76 9.69
C PRO A 352 12.66 -13.05 9.18
N VAL A 353 13.49 -13.97 8.72
CA VAL A 353 13.01 -15.22 8.15
C VAL A 353 13.83 -16.35 8.71
N ALA A 354 13.17 -17.36 9.24
CA ALA A 354 13.84 -18.54 9.79
C ALA A 354 13.31 -19.80 9.13
N ALA A 355 14.18 -20.50 8.40
CA ALA A 355 13.79 -21.70 7.66
C ALA A 355 15.01 -22.49 7.20
N ASP A 356 14.85 -23.80 7.04
CA ASP A 356 15.88 -24.68 6.51
C ASP A 356 17.24 -24.47 7.22
N GLY A 357 17.19 -24.26 8.53
CA GLY A 357 18.39 -24.08 9.31
C GLY A 357 18.99 -22.69 9.29
N LYS A 358 18.37 -21.76 8.56
CA LYS A 358 18.88 -20.40 8.41
C LYS A 358 18.07 -19.36 9.19
N LEU A 359 18.74 -18.26 9.54
CA LEU A 359 18.08 -17.06 10.06
C LEU A 359 18.49 -15.89 9.18
N LEU A 360 17.53 -15.27 8.51
CA LEU A 360 17.84 -14.18 7.59
C LEU A 360 17.11 -12.89 7.95
N ILE A 361 17.77 -11.76 7.71
CA ILE A 361 17.11 -10.48 7.92
C ILE A 361 17.75 -9.42 7.02
N GLN A 362 16.93 -8.50 6.53
CA GLN A 362 17.38 -7.43 5.64
C GLN A 362 17.25 -6.06 6.31
N ALA A 363 18.38 -5.38 6.44
CA ALA A 363 18.42 -4.03 7.00
C ALA A 363 17.79 -3.03 6.03
N LYS A 364 17.44 -1.86 6.55
CA LYS A 364 16.83 -0.80 5.74
C LYS A 364 17.68 -0.38 4.55
N ASP A 365 19.02 -0.45 4.68
CA ASP A 365 19.88 -0.07 3.55
C ASP A 365 20.04 -1.20 2.53
N GLY A 366 19.29 -2.30 2.74
CA GLY A 366 19.22 -3.39 1.78
C GLY A 366 20.11 -4.57 2.07
N THR A 367 21.04 -4.41 3.02
CA THR A 367 21.98 -5.48 3.32
C THR A 367 21.27 -6.70 3.91
N VAL A 368 21.48 -7.85 3.27
CA VAL A 368 20.95 -9.11 3.76
C VAL A 368 21.95 -9.83 4.67
N TYR A 369 21.50 -10.26 5.85
CA TYR A 369 22.35 -10.99 6.79
C TYR A 369 21.91 -12.43 6.95
N SER A 370 22.87 -13.36 6.94
CA SER A 370 22.61 -14.70 7.45
C SER A 370 23.27 -14.81 8.82
N ILE A 371 22.46 -15.11 9.84
CA ILE A 371 22.87 -15.06 11.23
C ILE A 371 23.03 -16.48 11.77
N THR A 372 24.10 -16.72 12.52
CA THR A 372 24.31 -18.04 13.06
C THR A 372 24.29 -17.98 14.59
N ARG A 373 23.55 -18.92 15.19
CA ARG A 373 23.44 -19.01 16.63
C ARG A 373 24.68 -19.66 17.23
N ALA B 1 3.70 14.40 11.78
CA ALA B 1 4.12 13.40 10.79
C ALA B 1 4.31 14.05 9.43
N GLU B 2 5.25 13.50 8.66
CA GLU B 2 5.60 14.06 7.36
C GLU B 2 5.31 13.10 6.21
N ILE B 3 4.92 13.65 5.07
CA ILE B 3 4.53 12.87 3.91
C ILE B 3 5.74 12.19 3.30
N GLN B 4 5.67 10.86 3.26
CA GLN B 4 6.77 10.05 2.79
C GLN B 4 6.70 9.86 1.27
N GLN B 5 5.48 9.91 0.74
CA GLN B 5 5.28 9.68 -0.69
C GLN B 5 3.91 10.15 -1.15
N ILE B 6 3.88 10.83 -2.28
CA ILE B 6 2.64 11.10 -2.96
C ILE B 6 2.64 10.30 -4.25
N ASN B 7 1.82 9.26 -4.31
CA ASN B 7 1.89 8.33 -5.43
C ASN B 7 0.63 8.42 -6.28
N ILE B 8 0.81 8.36 -7.58
CA ILE B 8 -0.33 8.31 -8.47
C ILE B 8 -0.27 6.98 -9.19
N VAL B 9 -1.42 6.32 -9.32
CA VAL B 9 -1.50 5.05 -10.01
C VAL B 9 -2.54 5.15 -11.10
N GLY B 10 -2.15 4.79 -12.32
CA GLY B 10 -3.03 4.92 -13.47
C GLY B 10 -2.63 6.04 -14.45
N ASN B 11 -1.57 6.77 -14.12
CA ASN B 11 -1.07 7.85 -14.98
C ASN B 11 -0.08 7.38 -16.06
N HIS B 12 -0.55 7.18 -17.27
CA HIS B 12 0.34 6.75 -18.35
C HIS B 12 0.72 7.91 -19.28
N ALA B 13 -0.11 8.94 -19.34
CA ALA B 13 0.15 10.06 -20.24
C ALA B 13 1.19 11.04 -19.67
N PHE B 14 1.26 11.13 -18.35
CA PHE B 14 2.19 12.05 -17.69
C PHE B 14 2.83 11.37 -16.48
N THR B 15 4.10 11.70 -16.22
CA THR B 15 4.82 11.09 -15.11
C THR B 15 4.26 11.55 -13.78
N THR B 16 4.37 10.69 -12.77
CA THR B 16 4.01 11.03 -11.42
C THR B 16 4.70 12.33 -11.01
N ASP B 17 5.98 12.42 -11.36
CA ASP B 17 6.81 13.57 -11.01
C ASP B 17 6.28 14.91 -11.55
N GLU B 18 5.90 14.92 -12.82
CA GLU B 18 5.29 16.11 -13.44
C GLU B 18 3.95 16.47 -12.80
N LEU B 19 3.12 15.47 -12.52
CA LEU B 19 1.80 15.72 -11.96
C LEU B 19 1.88 16.32 -10.55
N ILE B 20 2.65 15.70 -9.66
CA ILE B 20 2.63 16.12 -8.27
C ILE B 20 3.45 17.39 -8.08
N SER B 21 4.22 17.76 -9.11
CA SER B 21 4.96 19.00 -9.08
C SER B 21 4.01 20.20 -8.91
N HIS B 22 2.75 20.03 -9.31
CA HIS B 22 1.76 21.10 -9.23
C HIS B 22 0.93 21.08 -7.96
N PHE B 23 1.31 20.25 -6.98
CA PHE B 23 0.56 20.10 -5.73
C PHE B 23 1.05 21.01 -4.61
N GLN B 24 0.15 21.33 -3.69
CA GLN B 24 0.51 22.04 -2.46
C GLN B 24 1.18 21.05 -1.49
N LEU B 25 0.61 19.85 -1.38
CA LEU B 25 1.21 18.79 -0.57
C LEU B 25 2.53 18.36 -1.19
N ARG B 26 3.52 18.09 -0.34
CA ARG B 26 4.85 17.71 -0.79
C ARG B 26 5.36 16.44 -0.11
N ASP B 27 5.94 15.52 -0.87
CA ASP B 27 6.71 14.44 -0.24
C ASP B 27 8.19 14.77 -0.30
N GLU B 28 8.50 16.00 -0.72
CA GLU B 28 9.87 16.46 -0.89
C GLU B 28 9.93 17.98 -1.05
N VAL B 29 10.65 18.66 -0.17
CA VAL B 29 10.79 20.12 -0.26
C VAL B 29 11.91 20.52 -1.25
N PRO B 30 11.54 21.22 -2.33
CA PRO B 30 12.60 21.59 -3.28
C PRO B 30 13.49 22.72 -2.76
N TRP B 31 14.75 22.73 -3.20
CA TRP B 31 15.74 23.68 -2.68
C TRP B 31 15.33 25.15 -2.88
N TRP B 32 14.56 25.43 -3.94
CA TRP B 32 14.21 26.80 -4.27
C TRP B 32 13.01 27.39 -3.51
N ASN B 33 12.32 26.59 -2.70
CA ASN B 33 11.33 27.19 -1.79
C ASN B 33 11.58 26.76 -0.34
N VAL B 34 11.81 27.75 0.50
CA VAL B 34 12.22 27.48 1.88
C VAL B 34 11.00 27.23 2.75
N VAL B 35 9.90 27.91 2.42
CA VAL B 35 8.72 27.95 3.27
C VAL B 35 7.99 26.60 3.29
N GLY B 36 8.18 25.81 2.24
CA GLY B 36 7.44 24.57 2.08
C GLY B 36 7.75 23.51 3.12
N ASP B 37 6.75 22.69 3.46
CA ASP B 37 6.99 21.58 4.35
C ASP B 37 6.29 20.32 3.83
N ARG B 38 6.47 19.22 4.56
CA ARG B 38 5.88 17.96 4.13
C ARG B 38 4.73 17.58 5.04
N LYS B 39 4.13 18.57 5.68
CA LYS B 39 3.01 18.33 6.58
C LYS B 39 1.77 18.00 5.76
N TYR B 40 0.95 17.11 6.29
CA TYR B 40 -0.31 16.78 5.65
C TYR B 40 -1.43 17.68 6.11
N GLN B 41 -2.26 18.12 5.19
CA GLN B 41 -3.53 18.76 5.55
C GLN B 41 -4.62 18.34 4.60
N LYS B 42 -5.75 17.98 5.18
CA LYS B 42 -6.95 17.55 4.47
C LYS B 42 -7.37 18.49 3.34
N GLN B 43 -7.41 19.78 3.65
CA GLN B 43 -7.85 20.81 2.70
C GLN B 43 -6.92 20.89 1.51
N LYS B 44 -5.63 20.73 1.78
CA LYS B 44 -4.63 20.78 0.72
C LYS B 44 -4.82 19.59 -0.20
N LEU B 45 -5.06 18.42 0.39
CA LEU B 45 -5.30 17.22 -0.40
C LEU B 45 -6.46 17.50 -1.34
N ALA B 46 -7.53 18.06 -0.80
CA ALA B 46 -8.72 18.33 -1.59
C ALA B 46 -8.39 19.27 -2.76
N GLY B 47 -7.57 20.28 -2.49
CA GLY B 47 -7.16 21.21 -3.53
C GLY B 47 -6.32 20.50 -4.59
N ASP B 48 -5.43 19.63 -4.14
CA ASP B 48 -4.54 18.94 -5.06
C ASP B 48 -5.32 18.02 -5.99
N LEU B 49 -6.39 17.42 -5.48
CA LEU B 49 -7.22 16.55 -6.32
C LEU B 49 -7.89 17.35 -7.42
N GLU B 50 -8.25 18.60 -7.13
CA GLU B 50 -8.86 19.46 -8.13
C GLU B 50 -7.82 19.92 -9.16
N THR B 51 -6.62 20.24 -8.70
CA THR B 51 -5.50 20.53 -9.58
C THR B 51 -5.27 19.37 -10.55
N LEU B 52 -5.21 18.15 -10.02
CA LEU B 52 -4.99 16.96 -10.84
C LEU B 52 -6.11 16.79 -11.85
N ARG B 53 -7.35 16.94 -11.39
CA ARG B 53 -8.52 16.86 -12.25
C ARG B 53 -8.43 17.86 -13.41
N SER B 54 -8.11 19.10 -13.07
CA SER B 54 -8.02 20.16 -14.07
C SER B 54 -6.88 19.91 -15.03
N TYR B 55 -5.81 19.30 -14.51
CA TYR B 55 -4.64 19.04 -15.34
C TYR B 55 -5.02 18.20 -16.55
N TYR B 56 -5.84 17.18 -16.31
CA TYR B 56 -6.30 16.31 -17.38
C TYR B 56 -7.45 16.89 -18.19
N LEU B 57 -8.38 17.56 -17.50
CA LEU B 57 -9.54 18.10 -18.17
C LEU B 57 -9.13 19.20 -19.16
N ASP B 58 -8.17 20.03 -18.75
CA ASP B 58 -7.64 21.06 -19.64
C ASP B 58 -6.95 20.46 -20.87
N ARG B 59 -6.55 19.19 -20.79
CA ARG B 59 -5.77 18.58 -21.86
C ARG B 59 -6.55 17.55 -22.66
N GLY B 60 -7.88 17.63 -22.61
CA GLY B 60 -8.71 16.84 -23.50
C GLY B 60 -9.35 15.59 -22.90
N TYR B 61 -8.91 15.22 -21.70
CA TYR B 61 -9.35 13.97 -21.10
C TYR B 61 -10.71 14.13 -20.41
N ALA B 62 -11.77 14.13 -21.22
CA ALA B 62 -13.11 14.42 -20.72
C ALA B 62 -13.64 13.35 -19.76
N ARG B 63 -13.16 12.12 -19.91
CA ARG B 63 -13.63 11.04 -19.04
C ARG B 63 -12.72 10.84 -17.83
N PHE B 64 -11.81 11.79 -17.58
CA PHE B 64 -10.86 11.62 -16.48
C PHE B 64 -11.60 11.36 -15.19
N ASN B 65 -11.15 10.38 -14.43
CA ASN B 65 -11.75 10.13 -13.13
C ASN B 65 -10.72 9.77 -12.05
N ILE B 66 -10.94 10.31 -10.86
CA ILE B 66 -10.21 9.87 -9.68
C ILE B 66 -11.01 8.74 -9.04
N ASP B 67 -10.58 7.50 -9.25
CA ASP B 67 -11.30 6.35 -8.72
C ASP B 67 -11.33 6.29 -7.19
N SER B 68 -10.18 6.52 -6.55
CA SER B 68 -10.13 6.56 -5.09
C SER B 68 -8.86 7.25 -4.64
N THR B 69 -8.80 7.66 -3.38
CA THR B 69 -7.55 8.10 -2.82
C THR B 69 -7.36 7.45 -1.48
N GLN B 70 -6.13 7.07 -1.14
CA GLN B 70 -5.84 6.65 0.23
C GLN B 70 -4.84 7.57 0.88
N VAL B 71 -5.11 7.82 2.15
CA VAL B 71 -4.14 8.41 3.04
C VAL B 71 -3.86 7.38 4.13
N SER B 72 -2.60 7.09 4.40
CA SER B 72 -2.32 6.20 5.52
C SER B 72 -1.13 6.67 6.34
N LEU B 73 -1.09 6.24 7.60
CA LEU B 73 0.00 6.52 8.54
C LEU B 73 0.92 5.28 8.71
N THR B 74 2.22 5.48 8.84
CA THR B 74 3.07 4.35 9.20
C THR B 74 2.82 4.02 10.68
N PRO B 75 3.08 2.75 11.08
CA PRO B 75 2.83 2.35 12.48
C PRO B 75 3.59 3.18 13.52
N ASP B 76 4.80 3.67 13.22
CA ASP B 76 5.51 4.54 14.16
C ASP B 76 4.91 5.96 14.17
N LYS B 77 3.85 6.16 13.37
CA LYS B 77 3.08 7.41 13.32
C LYS B 77 3.89 8.65 12.86
N LYS B 78 5.07 8.44 12.29
CA LYS B 78 5.88 9.55 11.80
C LYS B 78 5.73 9.81 10.28
N GLY B 79 5.15 8.85 9.57
CA GLY B 79 5.09 8.92 8.12
C GLY B 79 3.69 8.89 7.55
N ILE B 80 3.49 9.60 6.45
CA ILE B 80 2.21 9.64 5.76
C ILE B 80 2.38 9.25 4.29
N TYR B 81 1.48 8.39 3.82
CA TYR B 81 1.43 8.01 2.42
C TYR B 81 0.14 8.55 1.82
N VAL B 82 0.28 9.19 0.66
CA VAL B 82 -0.86 9.60 -0.14
C VAL B 82 -0.82 8.87 -1.48
N THR B 83 -1.95 8.30 -1.87
CA THR B 83 -2.06 7.57 -3.13
C THR B 83 -3.32 8.01 -3.86
N VAL B 84 -3.18 8.36 -5.12
CA VAL B 84 -4.33 8.74 -5.94
C VAL B 84 -4.49 7.76 -7.10
N ASN B 85 -5.63 7.07 -7.15
CA ASN B 85 -5.93 6.11 -8.17
C ASN B 85 -6.84 6.68 -9.26
N ILE B 86 -6.35 6.69 -10.50
CA ILE B 86 -7.01 7.39 -11.58
C ILE B 86 -7.21 6.52 -12.82
N THR B 87 -8.25 6.85 -13.55
CA THR B 87 -8.46 6.32 -14.89
C THR B 87 -8.48 7.51 -15.84
N GLU B 88 -7.48 7.56 -16.72
CA GLU B 88 -7.26 8.71 -17.59
C GLU B 88 -8.36 8.83 -18.65
N GLY B 89 -8.67 7.72 -19.32
CA GLY B 89 -9.53 7.74 -20.48
C GLY B 89 -8.77 8.31 -21.67
N ASP B 90 -9.49 8.58 -22.77
CA ASP B 90 -8.85 9.13 -23.97
C ASP B 90 -9.01 10.63 -24.08
N GLN B 91 -8.36 11.20 -25.09
CA GLN B 91 -8.51 12.61 -25.40
C GLN B 91 -9.74 12.84 -26.26
N TYR B 92 -10.42 13.95 -26.01
CA TYR B 92 -11.67 14.22 -26.72
C TYR B 92 -11.61 15.58 -27.43
N LYS B 93 -12.19 15.64 -28.62
CA LYS B 93 -12.28 16.88 -29.36
C LYS B 93 -13.69 17.49 -29.25
N LEU B 94 -13.75 18.82 -29.32
CA LEU B 94 -15.01 19.54 -29.29
C LEU B 94 -15.74 19.50 -30.63
N SER B 95 -16.95 18.94 -30.64
CA SER B 95 -17.79 18.97 -31.83
C SER B 95 -18.55 20.31 -31.91
N GLY B 96 -19.37 20.61 -30.91
CA GLY B 96 -20.07 21.89 -30.89
C GLY B 96 -20.38 22.47 -29.52
N VAL B 97 -20.90 23.70 -29.52
CA VAL B 97 -21.46 24.29 -28.31
C VAL B 97 -22.89 24.72 -28.57
N GLU B 98 -23.83 24.16 -27.81
CA GLU B 98 -25.22 24.60 -27.86
C GLU B 98 -25.54 25.41 -26.63
N VAL B 99 -26.14 26.58 -26.83
CA VAL B 99 -26.50 27.46 -25.73
C VAL B 99 -28.01 27.62 -25.66
N SER B 100 -28.58 27.51 -24.47
CA SER B 100 -30.01 27.71 -24.31
C SER B 100 -30.35 28.30 -22.95
N GLY B 101 -31.60 28.77 -22.81
CA GLY B 101 -32.09 29.30 -21.55
C GLY B 101 -32.60 30.72 -21.69
N ASN B 102 -32.55 31.47 -20.59
CA ASN B 102 -32.92 32.88 -20.62
C ASN B 102 -31.73 33.75 -21.03
N LEU B 103 -31.64 34.05 -22.32
CA LEU B 103 -30.49 34.76 -22.86
C LEU B 103 -30.74 36.27 -22.94
N ALA B 104 -31.92 36.67 -22.48
CA ALA B 104 -32.32 38.08 -22.42
C ALA B 104 -32.16 38.78 -23.76
N GLY B 105 -32.41 38.06 -24.85
CA GLY B 105 -32.33 38.61 -26.19
C GLY B 105 -30.93 38.93 -26.67
N HIS B 106 -29.92 38.26 -26.11
CA HIS B 106 -28.55 38.46 -26.58
C HIS B 106 -27.95 37.19 -27.15
N SER B 107 -28.83 36.33 -27.68
CA SER B 107 -28.41 35.06 -28.28
C SER B 107 -27.27 35.22 -29.27
N ALA B 108 -27.39 36.19 -30.17
CA ALA B 108 -26.43 36.36 -31.26
C ALA B 108 -25.02 36.66 -30.75
N GLU B 109 -24.91 37.63 -29.84
CA GLU B 109 -23.60 37.97 -29.28
C GLU B 109 -23.03 36.80 -28.48
N ILE B 110 -23.92 36.11 -27.78
CA ILE B 110 -23.53 34.95 -26.99
C ILE B 110 -23.03 33.84 -27.91
N GLU B 111 -23.72 33.64 -29.02
CA GLU B 111 -23.34 32.60 -29.96
C GLU B 111 -21.97 32.89 -30.59
N GLN B 112 -21.61 34.17 -30.69
CA GLN B 112 -20.31 34.51 -31.27
C GLN B 112 -19.21 34.36 -30.23
N LEU B 113 -19.58 34.18 -28.97
CA LEU B 113 -18.63 33.88 -27.89
C LEU B 113 -18.37 32.38 -27.75
N THR B 114 -19.20 31.57 -28.40
CA THR B 114 -19.08 30.13 -28.25
C THR B 114 -18.61 29.45 -29.55
N LYS B 115 -17.86 30.20 -30.35
CA LYS B 115 -17.30 29.67 -31.59
C LYS B 115 -16.24 28.61 -31.28
N ILE B 116 -16.06 27.65 -32.20
CA ILE B 116 -15.09 26.57 -32.01
C ILE B 116 -14.04 26.53 -33.10
N GLU B 117 -12.77 26.60 -32.70
CA GLU B 117 -11.65 26.37 -33.63
C GLU B 117 -11.82 24.98 -34.23
N PRO B 118 -11.57 24.82 -35.54
CA PRO B 118 -11.87 23.49 -36.06
C PRO B 118 -10.89 22.43 -35.52
N GLY B 119 -11.40 21.34 -34.95
CA GLY B 119 -10.54 20.25 -34.43
C GLY B 119 -9.94 20.54 -33.07
N GLU B 120 -10.73 21.16 -32.20
CA GLU B 120 -10.25 21.63 -30.92
C GLU B 120 -10.47 20.57 -29.83
N LEU B 121 -9.44 20.34 -29.03
CA LEU B 121 -9.53 19.45 -27.88
C LEU B 121 -10.41 20.05 -26.79
N TYR B 122 -11.19 19.20 -26.12
CA TYR B 122 -11.91 19.63 -24.92
C TYR B 122 -10.90 20.24 -23.94
N ASN B 123 -11.25 21.39 -23.39
CA ASN B 123 -10.41 22.08 -22.41
C ASN B 123 -11.31 22.62 -21.30
N GLY B 124 -11.21 22.01 -20.11
CA GLY B 124 -12.09 22.35 -18.99
C GLY B 124 -12.03 23.80 -18.58
N THR B 125 -10.82 24.35 -18.48
CA THR B 125 -10.62 25.76 -18.14
C THR B 125 -11.15 26.68 -19.25
N LYS B 126 -11.08 26.23 -20.49
CA LYS B 126 -11.57 27.06 -21.58
C LYS B 126 -13.08 27.13 -21.54
N VAL B 127 -13.70 26.06 -21.06
CA VAL B 127 -15.16 26.06 -20.89
C VAL B 127 -15.56 27.07 -19.81
N THR B 128 -14.83 27.07 -18.71
CA THR B 128 -15.10 28.01 -17.62
C THR B 128 -14.93 29.46 -18.06
N LYS B 129 -13.87 29.74 -18.82
CA LYS B 129 -13.65 31.09 -19.31
C LYS B 129 -14.73 31.52 -20.33
N MET B 130 -15.25 30.56 -21.09
CA MET B 130 -16.34 30.83 -22.00
C MET B 130 -17.60 31.22 -21.21
N GLU B 131 -17.88 30.46 -20.15
CA GLU B 131 -18.95 30.80 -19.22
C GLU B 131 -18.78 32.21 -18.67
N ASP B 132 -17.57 32.52 -18.21
CA ASP B 132 -17.25 33.86 -17.70
C ASP B 132 -17.45 34.94 -18.76
N ASP B 133 -17.10 34.67 -20.02
CA ASP B 133 -17.30 35.66 -21.06
C ASP B 133 -18.81 35.96 -21.21
N ILE B 134 -19.62 34.91 -21.07
CA ILE B 134 -21.07 35.06 -21.20
C ILE B 134 -21.62 35.89 -20.03
N LYS B 135 -21.13 35.61 -18.82
CA LYS B 135 -21.55 36.35 -17.64
C LYS B 135 -21.18 37.84 -17.76
N LYS B 136 -20.00 38.13 -18.29
CA LYS B 136 -19.56 39.53 -18.39
C LYS B 136 -20.37 40.23 -19.47
N LEU B 137 -20.59 39.55 -20.58
CA LEU B 137 -21.45 40.08 -21.64
C LEU B 137 -22.83 40.46 -21.08
N LEU B 138 -23.44 39.59 -20.28
CA LEU B 138 -24.76 39.88 -19.70
C LEU B 138 -24.65 40.97 -18.64
N GLY B 139 -23.54 40.98 -17.92
CA GLY B 139 -23.25 42.04 -16.98
C GLY B 139 -23.22 43.42 -17.62
N ARG B 140 -22.92 43.48 -18.91
CA ARG B 140 -22.85 44.75 -19.62
C ARG B 140 -24.22 45.21 -20.10
N TYR B 141 -25.26 44.46 -19.76
CA TYR B 141 -26.62 44.88 -20.06
C TYR B 141 -27.47 44.98 -18.79
N GLY B 142 -26.83 44.94 -17.63
CA GLY B 142 -27.51 45.10 -16.37
C GLY B 142 -27.60 43.85 -15.49
N TYR B 143 -27.41 42.68 -16.10
CA TYR B 143 -27.59 41.41 -15.40
C TYR B 143 -26.40 41.04 -14.52
N ALA B 144 -26.50 41.37 -13.24
CA ALA B 144 -25.36 41.33 -12.34
C ALA B 144 -25.05 39.95 -11.78
N TYR B 145 -26.03 39.04 -11.78
CA TYR B 145 -25.80 37.68 -11.28
C TYR B 145 -26.31 36.59 -12.24
N PRO B 146 -25.76 36.53 -13.46
CA PRO B 146 -26.20 35.47 -14.36
C PRO B 146 -25.67 34.10 -13.94
N ARG B 147 -26.44 33.06 -14.21
CA ARG B 147 -25.99 31.71 -13.92
C ARG B 147 -25.75 30.96 -15.22
N VAL B 148 -24.64 30.22 -15.27
CA VAL B 148 -24.31 29.45 -16.46
C VAL B 148 -23.87 28.05 -16.03
N GLN B 149 -24.44 27.03 -16.68
CA GLN B 149 -24.01 25.67 -16.42
C GLN B 149 -23.71 25.00 -17.75
N SER B 150 -22.55 24.33 -17.83
CA SER B 150 -22.17 23.59 -19.03
C SER B 150 -22.13 22.11 -18.78
N MET B 151 -22.90 21.36 -19.56
CA MET B 151 -22.88 19.90 -19.46
C MET B 151 -22.26 19.28 -20.70
N PRO B 152 -21.10 18.64 -20.55
CA PRO B 152 -20.48 17.93 -21.67
C PRO B 152 -21.26 16.68 -22.07
N GLU B 153 -21.75 16.64 -23.30
CA GLU B 153 -22.32 15.43 -23.88
C GLU B 153 -21.22 14.62 -24.55
N ILE B 154 -20.87 13.50 -23.94
CA ILE B 154 -19.69 12.76 -24.40
C ILE B 154 -20.05 11.64 -25.38
N ASN B 155 -19.38 11.63 -26.52
CA ASN B 155 -19.56 10.60 -27.53
C ASN B 155 -18.30 9.75 -27.65
N ASP B 156 -18.33 8.55 -27.04
CA ASP B 156 -17.14 7.72 -26.91
C ASP B 156 -16.75 7.03 -28.21
N ALA B 157 -17.68 6.99 -29.15
CA ALA B 157 -17.41 6.45 -30.48
C ALA B 157 -16.59 7.44 -31.33
N ASP B 158 -17.05 8.68 -31.35
CA ASP B 158 -16.39 9.75 -32.10
C ASP B 158 -15.14 10.28 -31.40
N LYS B 159 -15.04 10.03 -30.09
CA LYS B 159 -14.09 10.73 -29.23
C LYS B 159 -14.36 12.24 -29.32
N THR B 160 -15.65 12.60 -29.25
CA THR B 160 -16.01 14.00 -29.30
C THR B 160 -16.91 14.40 -28.15
N VAL B 161 -16.86 15.69 -27.80
CA VAL B 161 -17.71 16.27 -26.77
C VAL B 161 -18.55 17.42 -27.33
N LYS B 162 -19.86 17.36 -27.12
CA LYS B 162 -20.71 18.51 -27.40
C LYS B 162 -21.05 19.18 -26.08
N LEU B 163 -20.87 20.51 -26.03
CA LEU B 163 -21.18 21.27 -24.83
C LEU B 163 -22.60 21.79 -24.86
N ARG B 164 -23.41 21.38 -23.89
CA ARG B 164 -24.72 21.94 -23.73
C ARG B 164 -24.68 22.93 -22.57
N VAL B 165 -24.80 24.21 -22.93
CA VAL B 165 -24.65 25.29 -21.98
C VAL B 165 -25.99 25.91 -21.66
N ASN B 166 -26.37 25.90 -20.39
CA ASN B 166 -27.59 26.58 -19.97
C ASN B 166 -27.29 27.93 -19.35
N VAL B 167 -27.98 28.96 -19.82
CA VAL B 167 -27.82 30.31 -19.31
C VAL B 167 -29.12 30.85 -18.72
N ASP B 168 -29.02 31.39 -17.50
CA ASP B 168 -30.12 32.14 -16.89
C ASP B 168 -29.63 33.56 -16.56
N ALA B 169 -30.06 34.55 -17.33
CA ALA B 169 -29.56 35.92 -17.15
C ALA B 169 -29.88 36.45 -15.76
N GLY B 170 -31.05 36.11 -15.23
CA GLY B 170 -31.41 36.53 -13.87
C GLY B 170 -31.99 37.94 -13.85
N ASN B 171 -31.98 38.58 -12.69
CA ASN B 171 -32.52 39.94 -12.58
C ASN B 171 -31.62 41.00 -13.21
N ARG B 172 -32.23 41.97 -13.90
CA ARG B 172 -31.50 43.18 -14.28
C ARG B 172 -31.38 44.12 -13.08
N PHE B 173 -30.22 44.76 -12.94
CA PHE B 173 -29.97 45.72 -11.86
C PHE B 173 -29.72 47.11 -12.41
N TYR B 174 -30.20 48.14 -11.70
CA TYR B 174 -29.99 49.48 -12.20
C TYR B 174 -28.51 49.87 -12.07
CA CA C . -3.38 -1.30 6.57
#